data_4H0A
#
_entry.id   4H0A
#
_cell.length_a   56.386
_cell.length_b   78.189
_cell.length_c   77.161
_cell.angle_alpha   90.000
_cell.angle_beta   94.320
_cell.angle_gamma   90.000
#
_symmetry.space_group_name_H-M   'P 1 21 1'
#
loop_
_entity.id
_entity.type
_entity.pdbx_description
1 polymer 'Uncharacterized protein'
2 non-polymer 1,2-ETHANEDIOL
3 water water
#
_entity_poly.entity_id   1
_entity_poly.type   'polypeptide(L)'
_entity_poly.pdbx_seq_one_letter_code
;GSPRLKFDVLENPNKGNKVNRSEQVNKSNNHAENPKPKEGVGTWVGKDIKVLTSKFGQADRVYPFRDGYKNYVFKDKNSY
YIVSTKREEIVSVYATGEKVNVSPLKIGQHSAEIFNHTSINPEPSFKVDGKKYEFELSDEDLKTQTLIKYGDIYAQVYSD
QQSKKVLSVRFLTKE(MSE)LADIEPYQLNSNSTSEEHNKRPVEQNPNQLISLYEVTNE(MSE)RKLKGLKPLKINSDLA
HIASNNLYEATSNGSDSVEFTEDALRGQLDKNHVTYKTTAQNVGYAFNDVPTLIHSW(MSE)NSDIHRSRLLNSKYDE
(MSE)GGDV(MSE)RDYYSLIFLEK
;
_entity_poly.pdbx_strand_id   A,B
#
# COMPACT_ATOMS: atom_id res chain seq x y z
N PHE A 7 -3.76 27.87 8.58
CA PHE A 7 -4.80 26.85 8.51
C PHE A 7 -5.02 26.25 9.90
N ASP A 8 -6.26 26.27 10.42
CA ASP A 8 -6.57 25.75 11.76
C ASP A 8 -6.43 24.23 11.82
N VAL A 9 -5.62 23.72 12.77
CA VAL A 9 -5.36 22.30 12.96
C VAL A 9 -6.40 21.70 13.90
N LEU A 10 -7.30 20.86 13.37
CA LEU A 10 -8.32 20.21 14.21
C LEU A 10 -7.69 19.05 14.98
N GLU A 11 -8.10 18.85 16.24
CA GLU A 11 -7.56 17.79 17.10
C GLU A 11 -8.59 16.69 17.28
N ASN A 12 -8.14 15.46 17.57
CA ASN A 12 -9.01 14.30 17.81
C ASN A 12 -10.02 14.64 18.91
N ALA A 32 -36.26 -1.53 26.09
CA ALA A 32 -35.47 -0.31 26.13
C ALA A 32 -34.16 -0.48 25.35
N GLU A 33 -34.24 -1.10 24.18
CA GLU A 33 -33.07 -1.38 23.36
C GLU A 33 -33.46 -1.54 21.90
N ASN A 34 -32.46 -1.54 21.02
CA ASN A 34 -32.64 -1.73 19.58
C ASN A 34 -32.18 -3.14 19.24
N PRO A 35 -32.95 -3.90 18.43
CA PRO A 35 -32.49 -5.26 18.09
C PRO A 35 -31.33 -5.22 17.11
N LYS A 36 -30.66 -6.36 16.93
CA LYS A 36 -29.55 -6.47 15.99
C LYS A 36 -30.08 -6.23 14.55
N PRO A 37 -29.24 -5.79 13.61
CA PRO A 37 -29.76 -5.60 12.24
C PRO A 37 -30.12 -6.94 11.61
N LYS A 38 -31.20 -6.99 10.83
CA LYS A 38 -31.65 -8.23 10.19
C LYS A 38 -31.00 -8.44 8.81
N GLU A 39 -30.49 -7.35 8.21
CA GLU A 39 -29.89 -7.37 6.88
C GLU A 39 -28.84 -6.26 6.76
N GLY A 40 -28.08 -6.29 5.67
CA GLY A 40 -27.10 -5.26 5.39
C GLY A 40 -25.76 -5.47 6.08
N VAL A 41 -24.92 -4.42 6.03
CA VAL A 41 -23.54 -4.49 6.52
C VAL A 41 -23.45 -4.76 8.03
N GLY A 42 -24.46 -4.38 8.80
CA GLY A 42 -24.49 -4.68 10.23
C GLY A 42 -24.44 -6.16 10.53
N THR A 43 -24.99 -7.01 9.63
CA THR A 43 -24.95 -8.47 9.80
C THR A 43 -23.57 -9.06 9.47
N TRP A 44 -22.66 -8.28 8.84
CA TRP A 44 -21.32 -8.77 8.50
C TRP A 44 -20.43 -8.82 9.74
N VAL A 45 -20.67 -7.97 10.75
CA VAL A 45 -19.82 -7.94 11.95
C VAL A 45 -19.94 -9.29 12.66
N GLY A 46 -18.81 -9.91 12.94
CA GLY A 46 -18.74 -11.22 13.58
C GLY A 46 -18.56 -12.37 12.61
N LYS A 47 -18.76 -12.14 11.29
CA LYS A 47 -18.59 -13.19 10.28
C LYS A 47 -17.15 -13.24 9.80
N ASP A 48 -16.77 -14.36 9.18
CA ASP A 48 -15.43 -14.52 8.62
C ASP A 48 -15.33 -13.68 7.36
N ILE A 49 -14.14 -13.11 7.10
CA ILE A 49 -13.93 -12.26 5.92
C ILE A 49 -14.20 -13.01 4.59
N LYS A 50 -14.06 -14.36 4.57
CA LYS A 50 -14.35 -15.18 3.39
C LYS A 50 -15.81 -15.02 2.89
N VAL A 51 -16.74 -14.62 3.78
CA VAL A 51 -18.14 -14.38 3.41
C VAL A 51 -18.24 -13.24 2.39
N LEU A 52 -17.45 -12.17 2.55
CA LEU A 52 -17.48 -11.04 1.60
C LEU A 52 -16.70 -11.34 0.35
N THR A 53 -15.56 -12.03 0.47
CA THR A 53 -14.76 -12.42 -0.70
C THR A 53 -15.64 -13.27 -1.63
N SER A 54 -16.49 -14.15 -1.07
CA SER A 54 -17.41 -14.96 -1.88
C SER A 54 -18.48 -14.09 -2.56
N LYS A 55 -19.06 -13.12 -1.84
CA LYS A 55 -20.11 -12.25 -2.36
C LYS A 55 -19.58 -11.24 -3.40
N PHE A 56 -18.48 -10.52 -3.09
CA PHE A 56 -17.94 -9.46 -3.95
C PHE A 56 -16.71 -9.81 -4.75
N GLY A 57 -16.13 -10.98 -4.52
CA GLY A 57 -14.86 -11.30 -5.16
C GLY A 57 -13.75 -10.71 -4.30
N GLN A 58 -12.55 -10.70 -4.81
CA GLN A 58 -11.39 -10.25 -4.05
C GLN A 58 -11.43 -8.75 -3.75
N ALA A 59 -10.95 -8.36 -2.57
CA ALA A 59 -10.90 -6.96 -2.17
C ALA A 59 -9.96 -6.18 -3.07
N ASP A 60 -10.18 -4.88 -3.18
CA ASP A 60 -9.36 -4.02 -4.02
C ASP A 60 -8.00 -3.77 -3.38
N ARG A 61 -7.98 -3.70 -2.05
CA ARG A 61 -6.80 -3.38 -1.26
C ARG A 61 -6.89 -4.13 0.07
N VAL A 62 -5.80 -4.74 0.56
CA VAL A 62 -5.76 -5.42 1.87
C VAL A 62 -4.48 -4.99 2.54
N TYR A 63 -4.55 -4.49 3.79
N TYR A 63 -4.54 -4.49 3.77
CA TYR A 63 -3.35 -3.99 4.48
CA TYR A 63 -3.32 -4.03 4.44
C TYR A 63 -3.47 -4.08 5.99
C TYR A 63 -3.46 -4.08 5.97
N PRO A 64 -2.35 -4.26 6.68
CA PRO A 64 -2.39 -4.27 8.14
C PRO A 64 -2.41 -2.86 8.72
N PHE A 65 -2.90 -2.73 9.94
CA PHE A 65 -2.73 -1.49 10.70
C PHE A 65 -2.40 -1.89 12.16
N ARG A 66 -2.06 -0.91 13.01
CA ARG A 66 -1.62 -1.19 14.39
C ARG A 66 -2.59 -2.08 15.19
N ASP A 67 -2.04 -2.76 16.21
CA ASP A 67 -2.74 -3.63 17.15
C ASP A 67 -3.32 -4.90 16.48
N GLY A 68 -2.71 -5.37 15.40
CA GLY A 68 -3.07 -6.63 14.78
C GLY A 68 -4.35 -6.70 13.98
N TYR A 69 -4.83 -5.55 13.45
CA TYR A 69 -6.01 -5.55 12.59
C TYR A 69 -5.60 -5.56 11.11
N LYS A 70 -6.53 -5.91 10.24
CA LYS A 70 -6.32 -5.90 8.80
C LYS A 70 -7.50 -5.25 8.15
N ASN A 71 -7.27 -4.34 7.19
CA ASN A 71 -8.38 -3.68 6.50
C ASN A 71 -8.52 -4.21 5.09
N TYR A 72 -9.77 -4.41 4.65
CA TYR A 72 -10.13 -4.87 3.31
C TYR A 72 -10.97 -3.78 2.70
N VAL A 73 -10.61 -3.30 1.51
CA VAL A 73 -11.42 -2.26 0.90
C VAL A 73 -12.14 -2.86 -0.29
N PHE A 74 -13.47 -2.71 -0.35
CA PHE A 74 -14.29 -3.17 -1.46
C PHE A 74 -15.00 -1.98 -2.03
N LYS A 75 -14.88 -1.74 -3.34
CA LYS A 75 -15.57 -0.58 -3.89
C LYS A 75 -15.97 -0.76 -5.32
N ASP A 76 -17.00 -0.02 -5.71
CA ASP A 76 -17.49 0.02 -7.06
C ASP A 76 -18.20 1.36 -7.25
N LYS A 77 -18.81 1.61 -8.39
CA LYS A 77 -19.47 2.88 -8.65
C LYS A 77 -20.52 3.26 -7.60
N ASN A 78 -21.30 2.29 -7.07
CA ASN A 78 -22.39 2.58 -6.14
C ASN A 78 -22.13 2.23 -4.68
N SER A 79 -20.94 1.75 -4.33
CA SER A 79 -20.69 1.39 -2.93
C SER A 79 -19.23 1.52 -2.57
N TYR A 80 -18.98 1.72 -1.26
CA TYR A 80 -17.64 1.84 -0.73
C TYR A 80 -17.62 1.25 0.66
N TYR A 81 -16.76 0.25 0.91
CA TYR A 81 -16.65 -0.40 2.21
C TYR A 81 -15.21 -0.49 2.69
N ILE A 82 -14.95 -0.11 3.95
CA ILE A 82 -13.68 -0.36 4.62
C ILE A 82 -14.03 -1.38 5.69
N VAL A 83 -13.60 -2.62 5.50
CA VAL A 83 -13.91 -3.73 6.40
C VAL A 83 -12.68 -4.06 7.23
N SER A 84 -12.77 -3.94 8.56
CA SER A 84 -11.64 -4.29 9.44
C SER A 84 -11.84 -5.66 10.02
N THR A 85 -10.76 -6.44 10.13
CA THR A 85 -10.81 -7.79 10.66
C THR A 85 -9.73 -8.01 11.72
N LYS A 86 -9.95 -8.99 12.57
CA LYS A 86 -9.00 -9.45 13.57
C LYS A 86 -9.13 -10.94 13.60
N ARG A 87 -8.05 -11.67 13.24
CA ARG A 87 -8.04 -13.13 13.13
C ARG A 87 -9.07 -13.59 12.09
N GLU A 88 -9.17 -12.82 10.96
CA GLU A 88 -10.08 -13.06 9.84
C GLU A 88 -11.56 -12.84 10.20
N GLU A 89 -11.90 -12.39 11.43
CA GLU A 89 -13.29 -12.09 11.82
C GLU A 89 -13.55 -10.64 11.56
N ILE A 90 -14.68 -10.30 10.92
CA ILE A 90 -15.03 -8.91 10.67
C ILE A 90 -15.40 -8.25 12.00
N VAL A 91 -14.71 -7.15 12.37
CA VAL A 91 -15.00 -6.42 13.62
C VAL A 91 -15.55 -5.02 13.32
N SER A 92 -15.48 -4.55 12.06
CA SER A 92 -15.96 -3.23 11.71
C SER A 92 -16.20 -3.10 10.23
N VAL A 93 -17.21 -2.31 9.85
CA VAL A 93 -17.51 -2.02 8.45
C VAL A 93 -17.91 -0.58 8.32
N TYR A 94 -17.08 0.24 7.66
CA TYR A 94 -17.43 1.62 7.31
C TYR A 94 -18.12 1.52 5.95
N ALA A 95 -19.33 2.05 5.76
CA ALA A 95 -20.02 1.93 4.48
C ALA A 95 -20.59 3.24 4.02
N THR A 96 -20.50 3.52 2.72
CA THR A 96 -21.14 4.71 2.15
C THR A 96 -21.39 4.46 0.67
N GLY A 97 -22.15 5.34 0.04
CA GLY A 97 -22.42 5.26 -1.40
C GLY A 97 -23.90 5.30 -1.73
N GLU A 98 -24.18 5.28 -3.04
CA GLU A 98 -25.55 5.34 -3.56
C GLU A 98 -26.34 4.06 -3.30
N LYS A 99 -25.69 2.88 -3.22
CA LYS A 99 -26.40 1.61 -3.05
C LYS A 99 -25.68 0.72 -2.04
N VAL A 100 -25.82 1.06 -0.75
CA VAL A 100 -25.32 0.25 0.36
C VAL A 100 -26.49 0.01 1.29
N ASN A 101 -26.51 -1.15 1.92
CA ASN A 101 -27.55 -1.51 2.86
C ASN A 101 -26.98 -1.34 4.26
N VAL A 102 -27.35 -0.24 4.94
CA VAL A 102 -26.90 0.06 6.31
C VAL A 102 -28.13 0.00 7.24
N SER A 103 -29.06 -0.96 6.99
CA SER A 103 -30.27 -1.13 7.79
C SER A 103 -29.94 -1.24 9.29
N PRO A 104 -30.75 -0.65 10.18
CA PRO A 104 -32.04 0.04 9.95
C PRO A 104 -31.92 1.46 9.41
N LEU A 105 -30.69 1.94 9.14
CA LEU A 105 -30.47 3.28 8.63
C LEU A 105 -30.46 3.26 7.10
N LYS A 106 -30.43 4.46 6.49
CA LYS A 106 -30.34 4.61 5.04
C LYS A 106 -29.50 5.81 4.72
N ILE A 107 -28.54 5.67 3.80
CA ILE A 107 -27.73 6.82 3.36
C ILE A 107 -28.70 7.84 2.73
N GLY A 108 -28.59 9.10 3.16
CA GLY A 108 -29.45 10.16 2.65
C GLY A 108 -30.69 10.42 3.47
N GLN A 109 -31.00 9.59 4.49
CA GLN A 109 -32.20 9.84 5.30
C GLN A 109 -31.98 11.06 6.20
N HIS A 110 -33.07 11.67 6.68
CA HIS A 110 -32.96 12.78 7.62
C HIS A 110 -32.44 12.23 8.95
N SER A 111 -31.38 12.84 9.49
CA SER A 111 -30.79 12.35 10.75
C SER A 111 -31.77 12.50 11.94
N ALA A 112 -32.69 13.48 11.92
CA ALA A 112 -33.67 13.66 13.00
C ALA A 112 -34.65 12.46 13.14
N GLU A 113 -34.90 11.74 12.02
CA GLU A 113 -35.75 10.54 11.94
C GLU A 113 -35.16 9.33 12.72
N ILE A 114 -33.85 9.31 12.99
CA ILE A 114 -33.21 8.21 13.73
C ILE A 114 -33.76 8.13 15.15
N PHE A 115 -33.75 9.27 15.83
CA PHE A 115 -34.17 9.37 17.23
C PHE A 115 -35.67 9.11 17.50
N ASN A 116 -36.57 9.23 16.50
CA ASN A 116 -38.01 9.06 16.76
C ASN A 116 -38.39 7.66 17.27
N HIS A 117 -37.65 6.60 16.86
CA HIS A 117 -37.96 5.22 17.26
C HIS A 117 -36.70 4.42 17.61
N THR A 118 -35.60 5.07 18.07
CA THR A 118 -34.34 4.37 18.40
C THR A 118 -33.80 4.81 19.77
N SER A 119 -33.45 3.82 20.60
CA SER A 119 -32.86 4.05 21.92
C SER A 119 -31.43 4.57 21.78
N ILE A 120 -31.16 5.79 22.28
CA ILE A 120 -29.82 6.37 22.22
C ILE A 120 -29.42 6.71 23.66
N ASN A 121 -28.19 6.33 24.06
CA ASN A 121 -27.68 6.59 25.41
CA ASN A 121 -27.65 6.57 25.40
C ASN A 121 -26.63 7.71 25.33
N PRO A 122 -26.76 8.82 26.08
CA PRO A 122 -25.73 9.87 26.00
C PRO A 122 -24.37 9.48 26.59
N GLU A 123 -24.33 8.60 27.61
CA GLU A 123 -23.07 8.13 28.22
C GLU A 123 -22.94 6.62 27.99
N PRO A 124 -22.64 6.17 26.75
CA PRO A 124 -22.55 4.72 26.49
C PRO A 124 -21.38 4.11 27.26
N SER A 125 -21.62 2.92 27.80
CA SER A 125 -20.69 2.22 28.68
C SER A 125 -20.60 0.74 28.32
N PHE A 126 -19.41 0.16 28.46
CA PHE A 126 -19.20 -1.27 28.19
C PHE A 126 -17.85 -1.71 28.75
N LYS A 127 -17.61 -3.02 28.74
CA LYS A 127 -16.33 -3.61 29.18
C LYS A 127 -15.68 -4.35 28.03
N VAL A 128 -14.35 -4.21 27.90
CA VAL A 128 -13.52 -4.92 26.92
C VAL A 128 -12.49 -5.68 27.74
N ASP A 129 -12.65 -7.02 27.86
CA ASP A 129 -11.74 -7.87 28.63
C ASP A 129 -11.69 -7.41 30.12
N GLY A 130 -12.87 -7.07 30.67
CA GLY A 130 -13.02 -6.62 32.06
C GLY A 130 -12.75 -5.15 32.33
N LYS A 131 -12.13 -4.41 31.39
CA LYS A 131 -11.80 -2.99 31.58
C LYS A 131 -12.98 -2.13 31.14
N LYS A 132 -13.47 -1.25 32.02
CA LYS A 132 -14.61 -0.40 31.71
C LYS A 132 -14.21 0.77 30.80
N TYR A 133 -15.07 1.07 29.82
CA TYR A 133 -14.95 2.21 28.92
C TYR A 133 -16.25 2.98 28.96
N GLU A 134 -16.18 4.28 29.25
CA GLU A 134 -17.37 5.14 29.27
C GLU A 134 -17.07 6.39 28.47
N PHE A 135 -17.90 6.67 27.45
CA PHE A 135 -17.69 7.84 26.59
C PHE A 135 -18.55 9.01 27.00
N GLU A 136 -17.99 10.23 26.93
CA GLU A 136 -18.68 11.49 27.21
C GLU A 136 -19.02 12.13 25.86
N LEU A 137 -20.21 11.80 25.30
CA LEU A 137 -20.58 12.32 23.97
C LEU A 137 -20.99 13.80 24.02
N SER A 138 -20.28 14.67 23.26
CA SER A 138 -20.57 16.11 23.18
C SER A 138 -21.85 16.38 22.39
N ASP A 139 -22.30 17.66 22.35
CA ASP A 139 -23.52 18.04 21.61
C ASP A 139 -23.40 17.70 20.14
N GLU A 140 -22.25 18.05 19.54
CA GLU A 140 -21.92 17.77 18.14
C GLU A 140 -21.93 16.25 17.88
N ASP A 141 -21.39 15.43 18.82
CA ASP A 141 -21.31 13.96 18.65
C ASP A 141 -22.70 13.32 18.55
N LEU A 142 -23.66 13.72 19.38
CA LEU A 142 -25.00 13.12 19.36
C LEU A 142 -25.78 13.41 18.08
N LYS A 143 -25.58 14.60 17.51
CA LYS A 143 -26.32 15.01 16.32
C LYS A 143 -25.64 14.52 15.03
N THR A 144 -24.29 14.50 14.99
CA THR A 144 -23.58 14.19 13.74
C THR A 144 -22.61 12.99 13.77
N GLN A 145 -22.50 12.29 14.91
CA GLN A 145 -21.65 11.10 15.03
C GLN A 145 -22.30 10.13 16.00
N THR A 146 -23.64 10.00 15.92
CA THR A 146 -24.44 9.24 16.87
C THR A 146 -23.93 7.82 17.08
N LEU A 147 -23.72 7.44 18.35
CA LEU A 147 -23.30 6.08 18.70
C LEU A 147 -24.56 5.33 19.12
N ILE A 148 -24.94 4.28 18.39
CA ILE A 148 -26.17 3.53 18.67
C ILE A 148 -25.83 2.08 18.93
N LYS A 149 -26.44 1.47 19.96
CA LYS A 149 -26.21 0.05 20.24
C LYS A 149 -27.32 -0.74 19.55
N TYR A 150 -26.94 -1.65 18.65
CA TYR A 150 -27.88 -2.55 17.94
C TYR A 150 -27.53 -3.95 18.36
N GLY A 151 -28.35 -4.54 19.23
CA GLY A 151 -28.06 -5.86 19.76
C GLY A 151 -26.77 -5.80 20.57
N ASP A 152 -25.78 -6.63 20.23
CA ASP A 152 -24.47 -6.67 20.91
C ASP A 152 -23.40 -5.83 20.16
N ILE A 153 -23.76 -5.14 19.05
CA ILE A 153 -22.79 -4.34 18.30
C ILE A 153 -23.21 -2.88 18.32
N TYR A 154 -22.34 -2.00 17.77
CA TYR A 154 -22.59 -0.58 17.73
C TYR A 154 -22.56 -0.05 16.32
N ALA A 155 -23.13 1.13 16.15
CA ALA A 155 -23.11 1.84 14.89
C ALA A 155 -22.81 3.29 15.15
N GLN A 156 -21.89 3.85 14.37
CA GLN A 156 -21.60 5.28 14.36
C GLN A 156 -22.29 5.81 13.13
N VAL A 157 -23.26 6.71 13.29
CA VAL A 157 -24.02 7.29 12.19
C VAL A 157 -23.48 8.69 11.94
N TYR A 158 -22.85 8.90 10.79
CA TYR A 158 -22.26 10.18 10.42
C TYR A 158 -23.25 11.03 9.67
N SER A 159 -23.55 12.24 10.17
CA SER A 159 -24.49 13.15 9.53
C SER A 159 -23.84 14.45 9.21
N ASP A 160 -24.45 15.17 8.27
CA ASP A 160 -23.97 16.46 7.82
C ASP A 160 -24.55 17.54 8.75
N GLN A 161 -23.70 18.48 9.19
CA GLN A 161 -24.15 19.55 10.08
C GLN A 161 -25.04 20.55 9.30
N GLN A 162 -24.86 20.64 7.95
CA GLN A 162 -25.62 21.54 7.09
C GLN A 162 -26.92 20.88 6.59
N SER A 163 -26.81 19.75 5.87
CA SER A 163 -28.02 19.09 5.33
C SER A 163 -28.76 18.24 6.37
N LYS A 164 -28.10 17.82 7.47
CA LYS A 164 -28.69 16.99 8.53
C LYS A 164 -29.14 15.63 7.96
N LYS A 165 -28.42 15.09 6.97
CA LYS A 165 -28.70 13.80 6.36
C LYS A 165 -27.60 12.81 6.67
N VAL A 166 -27.93 11.50 6.71
CA VAL A 166 -26.94 10.44 6.96
C VAL A 166 -25.98 10.33 5.76
N LEU A 167 -24.68 10.45 6.04
CA LEU A 167 -23.62 10.38 5.01
C LEU A 167 -23.02 9.00 4.90
N SER A 168 -22.83 8.36 6.05
CA SER A 168 -22.17 7.06 6.11
C SER A 168 -22.48 6.41 7.45
N VAL A 169 -22.25 5.10 7.54
CA VAL A 169 -22.47 4.36 8.80
C VAL A 169 -21.29 3.43 9.01
N ARG A 170 -20.82 3.32 10.26
CA ARG A 170 -19.80 2.34 10.60
C ARG A 170 -20.38 1.43 11.65
N PHE A 171 -20.55 0.14 11.32
CA PHE A 171 -20.99 -0.86 12.30
C PHE A 171 -19.73 -1.44 12.88
N LEU A 172 -19.61 -1.57 14.21
CA LEU A 172 -18.39 -2.10 14.80
C LEU A 172 -18.61 -2.69 16.19
N THR A 173 -17.66 -3.53 16.62
CA THR A 173 -17.74 -4.15 17.94
C THR A 173 -17.22 -3.20 19.01
N LYS A 174 -17.53 -3.49 20.26
CA LYS A 174 -17.04 -2.72 21.39
C LYS A 174 -15.48 -2.70 21.46
N GLU A 175 -14.80 -3.78 21.05
CA GLU A 175 -13.32 -3.78 21.12
C GLU A 175 -12.76 -2.87 20.05
N LEU A 177 -14.32 -0.17 18.91
CA LEU A 177 -14.68 1.15 19.43
C LEU A 177 -13.69 1.60 20.53
N ALA A 178 -13.28 0.69 21.44
CA ALA A 178 -12.28 1.03 22.48
C ALA A 178 -10.91 1.33 21.85
N ASP A 179 -10.55 0.60 20.80
CA ASP A 179 -9.28 0.80 20.11
C ASP A 179 -9.27 2.15 19.36
N ILE A 180 -10.33 2.46 18.58
CA ILE A 180 -10.42 3.74 17.85
C ILE A 180 -10.55 4.89 18.84
N GLU A 181 -11.41 4.73 19.88
CA GLU A 181 -11.70 5.77 20.88
C GLU A 181 -12.15 7.06 20.17
N PRO A 182 -13.26 7.03 19.40
CA PRO A 182 -13.67 8.23 18.65
C PRO A 182 -14.34 9.34 19.48
N TYR A 183 -14.61 9.10 20.77
CA TYR A 183 -15.22 10.09 21.65
C TYR A 183 -14.34 10.28 22.87
N GLN A 184 -14.56 11.39 23.58
CA GLN A 184 -13.81 11.68 24.79
C GLN A 184 -14.17 10.66 25.86
N LEU A 185 -13.16 10.12 26.56
CA LEU A 185 -13.40 9.16 27.63
C LEU A 185 -13.64 9.87 28.94
N ASN A 186 -14.43 9.25 29.81
CA ASN A 186 -14.68 9.77 31.15
C ASN A 186 -13.40 9.62 31.98
N SER A 187 -13.21 10.48 33.01
CA SER A 187 -12.03 10.46 33.88
C SER A 187 -11.73 9.08 34.50
N ASN A 188 -12.79 8.27 34.76
CA ASN A 188 -12.64 6.92 35.32
C ASN A 188 -11.98 5.94 34.31
N SER A 189 -12.17 6.16 33.00
CA SER A 189 -11.61 5.31 31.95
C SER A 189 -10.16 5.70 31.62
N THR A 190 -9.41 4.77 31.02
CA THR A 190 -8.01 4.96 30.60
C THR A 190 -7.87 4.60 29.13
N SER A 191 -7.19 5.46 28.35
CA SER A 191 -6.97 5.23 26.91
C SER A 191 -6.03 4.03 26.70
N GLU A 192 -6.32 3.20 25.67
CA GLU A 192 -5.50 2.02 25.36
C GLU A 192 -4.10 2.40 24.89
N GLU A 193 -3.12 1.53 25.17
CA GLU A 193 -1.74 1.70 24.68
C GLU A 193 -1.68 1.05 23.30
N HIS A 194 -0.82 1.55 22.41
CA HIS A 194 -0.73 1.04 21.04
C HIS A 194 0.70 0.64 20.66
N ASN A 195 0.82 -0.41 19.84
CA ASN A 195 2.11 -0.88 19.36
C ASN A 195 2.51 -0.05 18.12
N LYS A 196 3.73 -0.27 17.62
CA LYS A 196 4.27 0.42 16.44
C LYS A 196 3.34 0.27 15.22
N ARG A 197 3.19 1.36 14.42
CA ARG A 197 2.39 1.28 13.20
C ARG A 197 3.14 0.45 12.16
N PRO A 198 2.51 -0.52 11.48
CA PRO A 198 3.26 -1.21 10.41
C PRO A 198 3.57 -0.23 9.27
N VAL A 199 4.61 -0.53 8.47
CA VAL A 199 5.04 0.31 7.34
C VAL A 199 3.88 0.57 6.34
N GLU A 200 2.92 -0.36 6.21
CA GLU A 200 1.79 -0.20 5.29
C GLU A 200 0.74 0.78 5.75
N GLN A 201 0.69 1.11 7.05
CA GLN A 201 -0.40 1.94 7.55
C GLN A 201 -0.43 3.35 6.95
N ASN A 202 0.58 4.21 7.19
CA ASN A 202 0.56 5.59 6.67
C ASN A 202 0.19 5.70 5.17
N PRO A 203 0.85 4.99 4.23
CA PRO A 203 0.44 5.15 2.82
C PRO A 203 -1.00 4.70 2.54
N ASN A 204 -1.49 3.68 3.26
CA ASN A 204 -2.87 3.21 3.03
C ASN A 204 -3.89 4.15 3.68
N GLN A 205 -3.53 4.83 4.79
CA GLN A 205 -4.44 5.82 5.39
CA GLN A 205 -4.45 5.82 5.38
C GLN A 205 -4.57 7.00 4.44
N LEU A 206 -3.47 7.35 3.74
CA LEU A 206 -3.50 8.45 2.77
C LEU A 206 -4.44 8.08 1.61
N ILE A 207 -4.37 6.82 1.10
CA ILE A 207 -5.25 6.37 0.02
C ILE A 207 -6.70 6.40 0.51
N SER A 208 -6.97 5.94 1.74
CA SER A 208 -8.33 5.99 2.30
C SER A 208 -8.81 7.43 2.45
N LEU A 209 -7.90 8.36 2.84
CA LEU A 209 -8.23 9.79 2.96
C LEU A 209 -8.72 10.31 1.59
N TYR A 210 -8.01 9.99 0.51
CA TYR A 210 -8.43 10.40 -0.84
C TYR A 210 -9.77 9.80 -1.21
N GLU A 211 -9.93 8.49 -0.98
CA GLU A 211 -11.15 7.77 -1.35
C GLU A 211 -12.37 8.26 -0.58
N VAL A 212 -12.25 8.42 0.75
CA VAL A 212 -13.38 8.87 1.55
C VAL A 212 -13.72 10.33 1.20
N THR A 213 -12.71 11.16 0.90
CA THR A 213 -12.97 12.55 0.46
C THR A 213 -13.82 12.54 -0.80
N ASN A 214 -13.47 11.67 -1.77
CA ASN A 214 -14.21 11.59 -3.03
C ASN A 214 -15.59 10.96 -2.83
N GLU A 215 -15.77 10.02 -1.87
CA GLU A 215 -17.12 9.49 -1.58
C GLU A 215 -18.03 10.59 -1.04
N ARG A 217 -17.69 13.84 -1.64
CA ARG A 217 -17.96 14.71 -2.78
C ARG A 217 -19.04 14.09 -3.70
N LYS A 218 -18.97 12.76 -3.97
CA LYS A 218 -19.96 12.08 -4.81
C LYS A 218 -21.37 12.16 -4.21
N LEU A 219 -21.52 12.08 -2.88
CA LEU A 219 -22.87 12.20 -2.27
C LEU A 219 -23.51 13.56 -2.53
N LYS A 220 -22.70 14.63 -2.68
CA LYS A 220 -23.21 15.98 -2.97
C LYS A 220 -23.23 16.29 -4.48
N GLY A 221 -23.06 15.29 -5.34
CA GLY A 221 -23.09 15.48 -6.79
C GLY A 221 -21.91 16.22 -7.37
N LEU A 222 -20.78 16.27 -6.65
CA LEU A 222 -19.55 16.94 -7.09
C LEU A 222 -18.64 15.97 -7.79
N LYS A 223 -17.77 16.49 -8.67
CA LYS A 223 -16.79 15.67 -9.39
C LYS A 223 -15.68 15.25 -8.41
N PRO A 224 -15.17 14.01 -8.51
CA PRO A 224 -14.07 13.61 -7.62
C PRO A 224 -12.78 14.35 -7.96
N LEU A 225 -11.92 14.60 -6.98
CA LEU A 225 -10.65 15.30 -7.22
C LEU A 225 -9.61 14.30 -7.69
N LYS A 226 -8.79 14.70 -8.67
CA LYS A 226 -7.72 13.85 -9.17
C LYS A 226 -6.53 13.96 -8.24
N ILE A 227 -5.78 12.88 -8.06
CA ILE A 227 -4.63 12.90 -7.14
C ILE A 227 -3.44 13.47 -7.90
N ASN A 228 -2.78 14.51 -7.32
CA ASN A 228 -1.62 15.16 -7.90
C ASN A 228 -0.38 14.84 -7.04
N SER A 229 0.64 14.19 -7.64
CA SER A 229 1.86 13.80 -6.93
C SER A 229 2.70 15.01 -6.46
N ASP A 230 2.64 16.16 -7.17
CA ASP A 230 3.39 17.35 -6.75
C ASP A 230 2.77 17.95 -5.47
N LEU A 231 1.42 17.97 -5.37
CA LEU A 231 0.74 18.45 -4.17
C LEU A 231 1.02 17.51 -3.00
N ALA A 232 1.08 16.18 -3.27
CA ALA A 232 1.38 15.18 -2.25
C ALA A 232 2.80 15.39 -1.71
N HIS A 233 3.76 15.74 -2.61
CA HIS A 233 5.15 16.03 -2.24
CA HIS A 233 5.13 16.00 -2.21
C HIS A 233 5.19 17.26 -1.35
N ILE A 234 4.48 18.32 -1.77
CA ILE A 234 4.43 19.57 -1.01
C ILE A 234 3.81 19.28 0.37
N ALA A 235 2.70 18.51 0.42
CA ALA A 235 2.03 18.16 1.69
C ALA A 235 2.95 17.42 2.64
N SER A 236 3.73 16.47 2.11
CA SER A 236 4.68 15.69 2.90
C SER A 236 5.80 16.59 3.46
N ASN A 237 6.39 17.48 2.63
CA ASN A 237 7.42 18.41 3.08
C ASN A 237 6.87 19.41 4.06
N ASN A 238 5.66 19.92 3.80
CA ASN A 238 5.02 20.89 4.68
C ASN A 238 4.77 20.24 6.04
N LEU A 239 4.34 18.99 6.03
CA LEU A 239 4.07 18.27 7.27
C LEU A 239 5.34 17.96 8.03
N TYR A 240 6.37 17.48 7.32
CA TYR A 240 7.68 17.18 7.90
C TYR A 240 8.31 18.46 8.48
N GLU A 241 8.28 19.58 7.74
CA GLU A 241 8.85 20.86 8.18
C GLU A 241 8.07 21.46 9.35
N ALA A 242 6.74 21.28 9.38
CA ALA A 242 5.90 21.82 10.44
C ALA A 242 6.18 21.13 11.79
N THR A 243 6.53 19.82 11.78
CA THR A 243 6.82 19.05 12.99
C THR A 243 8.36 18.81 13.13
N SER A 244 9.15 19.88 13.02
CA SER A 244 10.61 19.82 13.15
C SER A 244 11.16 21.13 13.69
N GLU A 251 2.63 24.60 13.15
CA GLU A 251 1.78 25.55 12.42
C GLU A 251 1.85 25.31 10.91
N PHE A 252 0.74 25.61 10.21
CA PHE A 252 0.58 25.44 8.76
C PHE A 252 0.17 26.77 8.15
N THR A 253 1.17 27.61 7.83
CA THR A 253 0.93 28.95 7.29
C THR A 253 0.55 28.89 5.81
N GLU A 254 -0.25 29.88 5.35
CA GLU A 254 -0.67 29.96 3.95
C GLU A 254 0.50 30.45 3.07
N ASP A 255 1.48 31.18 3.66
CA ASP A 255 2.66 31.65 2.92
C ASP A 255 3.57 30.46 2.61
N ALA A 256 3.69 29.47 3.53
CA ALA A 256 4.48 28.26 3.30
C ALA A 256 3.86 27.41 2.18
N LEU A 257 2.51 27.39 2.06
CA LEU A 257 1.81 26.64 1.02
C LEU A 257 1.94 27.34 -0.34
N ARG A 258 1.59 28.62 -0.41
CA ARG A 258 1.68 29.39 -1.66
C ARG A 258 3.14 29.56 -2.12
N GLY A 259 4.08 29.58 -1.17
CA GLY A 259 5.50 29.66 -1.46
C GLY A 259 6.04 28.36 -2.03
N GLN A 260 5.58 27.21 -1.48
CA GLN A 260 6.00 25.89 -1.96
C GLN A 260 5.41 25.60 -3.35
N LEU A 261 4.18 26.09 -3.66
CA LEU A 261 3.57 25.89 -4.98
C LEU A 261 4.35 26.64 -6.05
N ASP A 262 4.73 27.90 -5.76
CA ASP A 262 5.50 28.74 -6.68
C ASP A 262 6.93 28.20 -6.85
N LYS A 263 7.56 27.76 -5.75
CA LYS A 263 8.90 27.15 -5.74
C LYS A 263 8.94 25.88 -6.62
N ASN A 264 7.83 25.12 -6.66
CA ASN A 264 7.71 23.88 -7.43
C ASN A 264 7.07 24.11 -8.83
N HIS A 265 6.93 25.38 -9.26
CA HIS A 265 6.38 25.78 -10.57
C HIS A 265 5.00 25.17 -10.85
N VAL A 266 4.16 25.02 -9.82
CA VAL A 266 2.80 24.49 -9.97
C VAL A 266 1.90 25.64 -10.42
N THR A 267 1.09 25.45 -11.47
CA THR A 267 0.16 26.48 -11.96
C THR A 267 -1.20 26.25 -11.31
N TYR A 268 -1.86 27.32 -10.82
CA TYR A 268 -3.16 27.20 -10.16
C TYR A 268 -3.88 28.54 -10.06
N LYS A 269 -5.21 28.50 -9.87
CA LYS A 269 -6.04 29.70 -9.66
C LYS A 269 -6.21 29.92 -8.15
N THR A 270 -6.62 28.86 -7.42
CA THR A 270 -6.81 28.92 -5.97
C THR A 270 -6.31 27.63 -5.31
N THR A 271 -6.06 27.71 -4.00
CA THR A 271 -5.56 26.59 -3.20
C THR A 271 -5.97 26.74 -1.73
N ALA A 272 -6.01 25.62 -1.02
CA ALA A 272 -6.33 25.59 0.41
C ALA A 272 -5.81 24.31 1.01
N GLN A 273 -5.90 24.18 2.35
CA GLN A 273 -5.39 23.01 3.04
C GLN A 273 -6.21 22.65 4.27
N ASN A 274 -6.48 21.35 4.46
CA ASN A 274 -7.14 20.83 5.63
C ASN A 274 -6.13 20.02 6.39
N VAL A 275 -6.07 20.19 7.71
CA VAL A 275 -5.13 19.47 8.57
C VAL A 275 -5.87 18.92 9.79
N GLY A 276 -5.39 17.79 10.29
CA GLY A 276 -5.92 17.12 11.48
C GLY A 276 -4.81 16.52 12.31
N TYR A 277 -4.94 16.57 13.67
CA TYR A 277 -3.93 16.03 14.59
C TYR A 277 -4.51 14.95 15.54
N ALA A 278 -3.70 13.91 15.80
CA ALA A 278 -3.96 12.82 16.74
C ALA A 278 -5.12 11.87 16.32
N PHE A 279 -5.57 11.91 15.05
CA PHE A 279 -6.66 11.05 14.61
C PHE A 279 -6.16 9.63 14.37
N ASN A 280 -6.99 8.64 14.67
CA ASN A 280 -6.67 7.22 14.53
C ASN A 280 -7.22 6.59 13.26
N ASP A 281 -8.24 7.20 12.64
CA ASP A 281 -8.86 6.61 11.47
C ASP A 281 -9.43 7.70 10.59
N VAL A 282 -9.60 7.38 9.33
CA VAL A 282 -10.09 8.34 8.35
C VAL A 282 -11.57 8.71 8.60
N PRO A 283 -12.52 7.79 8.88
CA PRO A 283 -13.91 8.25 9.15
C PRO A 283 -14.01 9.29 10.26
N THR A 284 -13.22 9.16 11.35
CA THR A 284 -13.26 10.16 12.43
C THR A 284 -12.70 11.49 11.95
N LEU A 285 -11.56 11.46 11.27
CA LEU A 285 -10.96 12.68 10.71
C LEU A 285 -11.92 13.41 9.77
N ILE A 286 -12.53 12.70 8.81
CA ILE A 286 -13.45 13.28 7.84
C ILE A 286 -14.67 13.89 8.56
N HIS A 287 -15.19 13.20 9.59
CA HIS A 287 -16.29 13.73 10.39
C HIS A 287 -15.91 15.11 10.99
N SER A 288 -14.69 15.25 11.52
CA SER A 288 -14.26 16.52 12.11
C SER A 288 -14.12 17.62 11.06
N TRP A 289 -13.62 17.28 9.85
CA TRP A 289 -13.53 18.28 8.77
C TRP A 289 -14.93 18.63 8.25
N ASN A 291 -17.64 18.74 9.92
CA ASN A 291 -18.37 19.51 10.94
C ASN A 291 -17.66 20.83 11.29
N SER A 292 -16.73 21.27 10.43
CA SER A 292 -16.05 22.57 10.51
C SER A 292 -16.33 23.25 9.19
N ASP A 293 -17.13 24.34 9.20
CA ASP A 293 -17.55 25.05 7.98
C ASP A 293 -16.38 25.35 7.03
N ILE A 294 -15.26 25.85 7.57
CA ILE A 294 -14.10 26.21 6.75
C ILE A 294 -13.50 24.93 6.11
N HIS A 295 -13.31 23.85 6.88
CA HIS A 295 -12.77 22.60 6.31
C HIS A 295 -13.80 21.93 5.38
N ARG A 296 -15.10 21.94 5.76
CA ARG A 296 -16.18 21.35 4.95
CA ARG A 296 -16.20 21.37 4.96
C ARG A 296 -16.25 22.03 3.58
N SER A 297 -16.20 23.38 3.55
CA SER A 297 -16.27 24.16 2.30
C SER A 297 -15.12 23.79 1.34
N ARG A 298 -13.94 23.44 1.88
CA ARG A 298 -12.80 23.04 1.03
C ARG A 298 -13.03 21.64 0.45
N LEU A 299 -13.47 20.67 1.29
CA LEU A 299 -13.76 19.29 0.83
C LEU A 299 -14.82 19.28 -0.27
N LEU A 300 -15.88 20.09 -0.10
CA LEU A 300 -17.00 20.15 -1.02
C LEU A 300 -16.95 21.35 -1.96
N ASN A 301 -15.74 21.86 -2.27
CA ASN A 301 -15.61 23.00 -3.16
C ASN A 301 -15.76 22.52 -4.61
N SER A 302 -16.74 23.06 -5.35
CA SER A 302 -16.95 22.69 -6.75
C SER A 302 -15.81 23.17 -7.66
N LYS A 303 -15.08 24.23 -7.27
CA LYS A 303 -14.01 24.79 -8.11
C LYS A 303 -12.73 23.93 -8.10
N TYR A 304 -12.40 23.24 -6.98
CA TYR A 304 -11.19 22.40 -6.96
C TYR A 304 -11.33 21.18 -7.86
N ASP A 305 -10.23 20.80 -8.53
CA ASP A 305 -10.20 19.62 -9.40
C ASP A 305 -9.05 18.65 -9.06
N GLU A 306 -8.12 19.02 -8.14
CA GLU A 306 -7.00 18.17 -7.75
C GLU A 306 -6.73 18.25 -6.26
N GLY A 308 -3.75 16.51 -3.06
CA GLY A 308 -2.56 15.76 -2.69
C GLY A 308 -2.35 15.91 -1.20
N GLY A 309 -2.01 14.83 -0.53
CA GLY A 309 -1.86 14.90 0.92
C GLY A 309 -0.77 14.04 1.46
N ASP A 310 -0.74 13.95 2.78
CA ASP A 310 0.19 13.10 3.49
C ASP A 310 -0.39 12.69 4.84
N VAL A 311 -0.04 11.50 5.30
CA VAL A 311 -0.40 11.00 6.61
C VAL A 311 0.86 10.49 7.27
N ARG A 313 2.05 9.40 11.24
CA ARG A 313 1.81 9.17 12.66
C ARG A 313 0.45 9.78 13.04
N ASP A 314 0.44 10.85 13.85
CA ASP A 314 -0.78 11.48 14.35
C ASP A 314 -1.36 12.52 13.38
N TYR A 315 -0.63 12.95 12.34
CA TYR A 315 -1.11 14.03 11.45
C TYR A 315 -1.67 13.56 10.10
N TYR A 316 -2.66 14.33 9.62
CA TYR A 316 -3.31 14.18 8.32
C TYR A 316 -3.32 15.52 7.63
N SER A 317 -2.80 15.63 6.41
CA SER A 317 -2.80 16.88 5.66
C SER A 317 -3.34 16.64 4.26
N LEU A 318 -4.24 17.52 3.76
CA LEU A 318 -4.79 17.39 2.40
C LEU A 318 -4.84 18.76 1.75
N ILE A 319 -4.05 18.95 0.69
CA ILE A 319 -3.99 20.20 -0.06
C ILE A 319 -4.93 20.08 -1.25
N PHE A 320 -5.72 21.13 -1.52
CA PHE A 320 -6.66 21.18 -2.65
C PHE A 320 -6.17 22.19 -3.65
N LEU A 321 -6.52 21.99 -4.92
CA LEU A 321 -6.09 22.90 -5.97
C LEU A 321 -7.10 23.02 -7.10
N GLU A 322 -7.26 24.25 -7.61
CA GLU A 322 -8.04 24.55 -8.79
C GLU A 322 -7.02 24.91 -9.86
N LYS A 323 -6.84 24.06 -10.88
CA LYS A 323 -5.90 24.34 -11.97
C LYS A 323 -6.42 25.51 -12.81
N PRO B 3 37.71 10.42 -4.32
CA PRO B 3 36.47 10.06 -3.63
C PRO B 3 35.26 10.06 -4.59
N ARG B 4 34.18 9.36 -4.20
CA ARG B 4 32.96 9.25 -5.03
C ARG B 4 32.19 10.58 -5.06
N LEU B 5 31.84 11.07 -6.27
CA LEU B 5 31.09 12.31 -6.46
C LEU B 5 29.60 12.02 -6.63
N LYS B 6 29.24 10.98 -7.41
CA LYS B 6 27.83 10.62 -7.64
C LYS B 6 27.59 9.12 -7.58
N PHE B 7 26.31 8.75 -7.49
CA PHE B 7 25.84 7.36 -7.47
C PHE B 7 25.39 6.98 -8.88
N ASP B 8 25.94 5.87 -9.43
CA ASP B 8 25.59 5.41 -10.78
C ASP B 8 24.17 4.86 -10.84
N VAL B 9 23.38 5.35 -11.80
CA VAL B 9 22.00 4.94 -11.99
C VAL B 9 21.98 3.72 -12.93
N LEU B 10 21.58 2.55 -12.42
CA LEU B 10 21.44 1.34 -13.25
C LEU B 10 20.16 1.45 -14.05
N GLU B 11 20.19 1.06 -15.34
CA GLU B 11 19.01 1.13 -16.22
C GLU B 11 18.45 -0.26 -16.46
N ASN B 12 17.14 -0.34 -16.76
CA ASN B 12 16.45 -1.61 -17.07
C ASN B 12 17.21 -2.35 -18.17
N PRO B 13 17.61 -3.63 -17.97
CA PRO B 13 18.38 -4.32 -19.02
C PRO B 13 17.66 -4.43 -20.36
N ASN B 14 16.31 -4.26 -20.41
CA ASN B 14 15.55 -4.34 -21.66
C ASN B 14 15.89 -3.19 -22.66
N LYS B 15 16.61 -2.12 -22.24
CA LYS B 15 17.03 -1.04 -23.14
C LYS B 15 18.14 -1.51 -24.07
N ALA B 32 13.17 -32.82 -26.19
CA ALA B 32 13.98 -31.59 -26.18
C ALA B 32 13.28 -30.48 -25.37
N GLU B 33 12.73 -30.84 -24.22
CA GLU B 33 11.99 -29.91 -23.37
C GLU B 33 11.99 -30.36 -21.93
N ASN B 34 11.56 -29.47 -21.03
CA ASN B 34 11.45 -29.74 -19.60
C ASN B 34 9.98 -29.90 -19.28
N PRO B 35 9.59 -30.93 -18.51
CA PRO B 35 8.16 -31.07 -18.18
C PRO B 35 7.72 -30.01 -17.16
N LYS B 36 6.40 -29.88 -16.99
CA LYS B 36 5.85 -28.92 -16.02
C LYS B 36 6.26 -29.35 -14.60
N PRO B 37 6.33 -28.43 -13.63
CA PRO B 37 6.70 -28.85 -12.27
C PRO B 37 5.61 -29.73 -11.68
N LYS B 38 5.99 -30.75 -10.92
CA LYS B 38 5.06 -31.70 -10.29
C LYS B 38 4.59 -31.22 -8.91
N GLU B 39 5.36 -30.32 -8.28
CA GLU B 39 5.11 -29.80 -6.94
C GLU B 39 5.69 -28.40 -6.80
N GLY B 40 5.34 -27.74 -5.69
CA GLY B 40 5.86 -26.43 -5.38
C GLY B 40 5.15 -25.28 -6.05
N VAL B 41 5.76 -24.09 -5.97
CA VAL B 41 5.13 -22.84 -6.44
C VAL B 41 4.86 -22.85 -7.94
N GLY B 42 5.63 -23.58 -8.73
CA GLY B 42 5.38 -23.70 -10.16
C GLY B 42 4.00 -24.27 -10.49
N THR B 43 3.45 -25.13 -9.61
CA THR B 43 2.10 -25.69 -9.80
C THR B 43 1.00 -24.68 -9.47
N TRP B 44 1.33 -23.54 -8.81
CA TRP B 44 0.33 -22.52 -8.46
C TRP B 44 -0.07 -21.71 -9.67
N VAL B 45 0.82 -21.55 -10.68
CA VAL B 45 0.51 -20.74 -11.85
C VAL B 45 -0.67 -21.39 -12.60
N GLY B 46 -1.71 -20.59 -12.86
CA GLY B 46 -2.93 -21.05 -13.52
C GLY B 46 -4.06 -21.38 -12.56
N LYS B 47 -3.77 -21.50 -11.25
CA LYS B 47 -4.81 -21.79 -10.26
C LYS B 47 -5.45 -20.52 -9.76
N ASP B 48 -6.63 -20.64 -9.14
CA ASP B 48 -7.32 -19.49 -8.56
C ASP B 48 -6.60 -19.10 -7.28
N ILE B 49 -6.53 -17.80 -6.98
CA ILE B 49 -5.86 -17.30 -5.77
C ILE B 49 -6.46 -17.91 -4.47
N LYS B 50 -7.76 -18.30 -4.48
CA LYS B 50 -8.40 -18.93 -3.31
C LYS B 50 -7.66 -20.20 -2.84
N VAL B 51 -6.91 -20.87 -3.74
CA VAL B 51 -6.13 -22.05 -3.40
C VAL B 51 -5.03 -21.70 -2.35
N LEU B 52 -4.41 -20.51 -2.47
CA LEU B 52 -3.38 -20.10 -1.51
C LEU B 52 -3.98 -19.56 -0.23
N THR B 53 -5.08 -18.80 -0.36
CA THR B 53 -5.76 -18.27 0.81
C THR B 53 -6.18 -19.44 1.72
N SER B 54 -6.63 -20.56 1.13
CA SER B 54 -6.98 -21.75 1.90
C SER B 54 -5.76 -22.38 2.58
N LYS B 55 -4.64 -22.50 1.86
CA LYS B 55 -3.41 -23.10 2.38
C LYS B 55 -2.72 -22.22 3.45
N PHE B 56 -2.51 -20.93 3.16
CA PHE B 56 -1.78 -20.02 4.05
C PHE B 56 -2.60 -19.05 4.86
N GLY B 57 -3.90 -19.00 4.63
CA GLY B 57 -4.72 -18.00 5.29
C GLY B 57 -4.64 -16.73 4.46
N GLN B 58 -5.12 -15.64 5.00
CA GLN B 58 -5.19 -14.38 4.26
C GLN B 58 -3.81 -13.79 3.99
N ALA B 59 -3.64 -13.18 2.80
CA ALA B 59 -2.38 -12.54 2.44
C ALA B 59 -2.07 -11.37 3.37
N ASP B 60 -0.78 -11.06 3.50
CA ASP B 60 -0.34 -9.97 4.37
C ASP B 60 -0.67 -8.62 3.75
N ARG B 61 -0.61 -8.55 2.42
CA ARG B 61 -0.79 -7.32 1.65
C ARG B 61 -1.42 -7.67 0.31
N VAL B 62 -2.43 -6.92 -0.16
CA VAL B 62 -3.04 -7.12 -1.48
C VAL B 62 -3.17 -5.76 -2.12
N TYR B 63 -2.71 -5.61 -3.37
N TYR B 63 -2.68 -5.59 -3.36
CA TYR B 63 -2.75 -4.30 -4.03
CA TYR B 63 -2.77 -4.28 -3.99
C TYR B 63 -2.75 -4.41 -5.54
C TYR B 63 -2.74 -4.39 -5.53
N PRO B 64 -3.33 -3.40 -6.23
CA PRO B 64 -3.30 -3.42 -7.70
C PRO B 64 -1.99 -2.85 -8.25
N PHE B 65 -1.67 -3.21 -9.48
CA PHE B 65 -0.59 -2.53 -10.21
C PHE B 65 -1.07 -2.36 -11.67
N ARG B 66 -0.30 -1.65 -12.50
CA ARG B 66 -0.73 -1.30 -13.87
C ARG B 66 -1.12 -2.54 -14.71
N ASP B 67 -1.95 -2.30 -15.73
CA ASP B 67 -2.46 -3.27 -16.70
C ASP B 67 -3.38 -4.34 -16.07
N GLY B 68 -4.07 -3.99 -14.98
CA GLY B 68 -5.09 -4.85 -14.39
C GLY B 68 -4.63 -6.06 -13.61
N TYR B 69 -3.40 -6.05 -13.06
CA TYR B 69 -2.93 -7.14 -12.22
C TYR B 69 -3.11 -6.79 -10.74
N LYS B 70 -3.08 -7.82 -9.89
CA LYS B 70 -3.19 -7.68 -8.43
CA LYS B 70 -3.18 -7.65 -8.44
C LYS B 70 -2.11 -8.49 -7.79
N ASN B 71 -1.38 -7.93 -6.80
CA ASN B 71 -0.32 -8.68 -6.13
C ASN B 71 -0.77 -9.07 -4.74
N TYR B 72 -0.45 -10.30 -4.32
CA TYR B 72 -0.73 -10.84 -2.99
C TYR B 72 0.60 -11.18 -2.38
N VAL B 73 0.91 -10.68 -1.19
CA VAL B 73 2.18 -11.01 -0.55
C VAL B 73 1.90 -11.92 0.62
N PHE B 74 2.58 -13.08 0.64
CA PHE B 74 2.47 -14.05 1.73
C PHE B 74 3.85 -14.23 2.31
N LYS B 75 4.00 -14.04 3.61
CA LYS B 75 5.34 -14.21 4.17
C LYS B 75 5.32 -14.67 5.59
N ASP B 76 6.42 -15.32 5.98
CA ASP B 76 6.64 -15.78 7.34
C ASP B 76 8.16 -15.87 7.52
N LYS B 77 8.61 -16.33 8.68
CA LYS B 77 10.04 -16.42 8.95
C LYS B 77 10.84 -17.20 7.88
N ASN B 78 10.27 -18.29 7.31
CA ASN B 78 11.00 -19.16 6.38
C ASN B 78 10.59 -19.04 4.91
N SER B 79 9.67 -18.14 4.57
CA SER B 79 9.25 -18.04 3.18
C SER B 79 8.79 -16.64 2.83
N TYR B 80 8.87 -16.32 1.54
CA TYR B 80 8.43 -15.03 1.03
C TYR B 80 7.91 -15.22 -0.37
N TYR B 81 6.64 -14.84 -0.62
CA TYR B 81 6.02 -14.97 -1.94
C TYR B 81 5.35 -13.69 -2.39
N ILE B 82 5.60 -13.27 -3.64
CA ILE B 82 4.86 -12.19 -4.30
C ILE B 82 4.09 -12.91 -5.39
N VAL B 83 2.75 -12.99 -5.23
CA VAL B 83 1.87 -13.71 -6.14
C VAL B 83 1.07 -12.73 -6.95
N SER B 84 1.24 -12.74 -8.28
CA SER B 84 0.47 -11.84 -9.14
C SER B 84 -0.69 -12.57 -9.75
N THR B 85 -1.84 -11.89 -9.86
CA THR B 85 -3.04 -12.48 -10.42
C THR B 85 -3.68 -11.56 -11.44
N LYS B 86 -4.46 -12.14 -12.32
CA LYS B 86 -5.27 -11.44 -13.31
C LYS B 86 -6.58 -12.17 -13.37
N ARG B 87 -7.68 -11.50 -13.00
CA ARG B 87 -9.03 -12.07 -12.92
C ARG B 87 -9.03 -13.22 -11.89
N GLU B 88 -8.32 -13.03 -10.77
CA GLU B 88 -8.17 -13.99 -9.67
C GLU B 88 -7.35 -15.25 -10.05
N GLU B 89 -6.80 -15.34 -11.27
CA GLU B 89 -5.96 -16.47 -11.68
C GLU B 89 -4.52 -16.12 -11.40
N ILE B 90 -3.76 -17.04 -10.78
CA ILE B 90 -2.35 -16.79 -10.52
C ILE B 90 -1.59 -16.83 -11.84
N VAL B 91 -0.86 -15.74 -12.18
CA VAL B 91 -0.05 -15.68 -13.41
C VAL B 91 1.44 -15.61 -13.11
N SER B 92 1.83 -15.39 -11.83
CA SER B 92 3.23 -15.31 -11.47
C SER B 92 3.42 -15.50 -10.00
N VAL B 93 4.53 -16.16 -9.61
CA VAL B 93 4.92 -16.31 -8.23
C VAL B 93 6.41 -16.06 -8.12
N TYR B 94 6.83 -15.01 -7.37
CA TYR B 94 8.22 -14.77 -7.01
C TYR B 94 8.40 -15.46 -5.66
N ALA B 95 9.39 -16.35 -5.48
CA ALA B 95 9.54 -17.06 -4.21
C ALA B 95 10.97 -17.07 -3.74
N THR B 96 11.18 -16.89 -2.43
CA THR B 96 12.52 -17.01 -1.85
C THR B 96 12.38 -17.36 -0.37
N GLY B 97 13.49 -17.71 0.25
CA GLY B 97 13.52 -18.02 1.68
C GLY B 97 14.14 -19.36 1.99
N GLU B 98 14.22 -19.66 3.30
CA GLU B 98 14.83 -20.89 3.79
C GLU B 98 13.97 -22.14 3.49
N LYS B 99 12.63 -22.00 3.42
CA LYS B 99 11.75 -23.16 3.22
C LYS B 99 10.67 -22.85 2.18
N VAL B 100 11.06 -22.81 0.91
CA VAL B 100 10.13 -22.66 -0.21
C VAL B 100 10.39 -23.80 -1.16
N ASN B 101 9.35 -24.29 -1.82
CA ASN B 101 9.45 -25.37 -2.77
C ASN B 101 9.38 -24.75 -4.17
N VAL B 102 10.55 -24.61 -4.83
CA VAL B 102 10.66 -24.05 -6.19
C VAL B 102 11.11 -25.18 -7.15
N SER B 103 10.60 -26.43 -6.94
CA SER B 103 10.96 -27.59 -7.76
C SER B 103 10.73 -27.30 -9.24
N PRO B 104 11.61 -27.78 -10.15
CA PRO B 104 12.77 -28.68 -9.91
C PRO B 104 14.02 -28.00 -9.36
N LEU B 105 13.95 -26.70 -9.06
CA LEU B 105 15.08 -25.95 -8.53
C LEU B 105 15.06 -25.98 -6.99
N LYS B 106 16.13 -25.50 -6.37
CA LYS B 106 16.21 -25.39 -4.91
C LYS B 106 16.96 -24.13 -4.55
N ILE B 107 16.44 -23.34 -3.61
CA ILE B 107 17.16 -22.15 -3.14
C ILE B 107 18.48 -22.63 -2.51
N GLY B 108 19.58 -22.01 -2.91
CA GLY B 108 20.91 -22.37 -2.40
C GLY B 108 21.66 -23.38 -3.23
N GLN B 109 21.04 -23.98 -4.28
CA GLN B 109 21.76 -24.95 -5.10
C GLN B 109 22.78 -24.23 -5.98
N HIS B 110 23.80 -24.96 -6.46
CA HIS B 110 24.76 -24.39 -7.39
C HIS B 110 24.06 -24.10 -8.71
N SER B 111 24.18 -22.88 -9.23
CA SER B 111 23.51 -22.50 -10.48
C SER B 111 24.05 -23.30 -11.70
N ALA B 112 25.31 -23.75 -11.67
CA ALA B 112 25.89 -24.55 -12.77
C ALA B 112 25.19 -25.92 -12.94
N GLU B 113 24.56 -26.46 -11.89
CA GLU B 113 23.86 -27.75 -11.99
C GLU B 113 22.59 -27.67 -12.77
N ILE B 114 21.98 -26.49 -12.85
CA ILE B 114 20.72 -26.35 -13.58
C ILE B 114 20.89 -26.84 -15.02
N PHE B 115 21.93 -26.36 -15.68
CA PHE B 115 22.20 -26.67 -17.08
C PHE B 115 22.58 -28.14 -17.38
N ASN B 116 23.05 -28.93 -16.38
CA ASN B 116 23.49 -30.32 -16.64
C ASN B 116 22.36 -31.23 -17.19
N HIS B 117 21.09 -30.99 -16.80
CA HIS B 117 19.96 -31.82 -17.24
C HIS B 117 18.71 -30.99 -17.60
N THR B 118 18.87 -29.71 -18.02
CA THR B 118 17.73 -28.84 -18.33
C THR B 118 17.90 -28.15 -19.69
N SER B 119 16.87 -28.21 -20.53
CA SER B 119 16.85 -27.55 -21.84
C SER B 119 16.75 -26.04 -21.67
N ILE B 120 17.76 -25.28 -22.13
CA ILE B 120 17.74 -23.81 -22.05
C ILE B 120 17.91 -23.28 -23.46
N ASN B 121 17.07 -22.32 -23.85
CA ASN B 121 17.12 -21.72 -25.19
CA ASN B 121 17.08 -21.69 -25.19
C ASN B 121 17.71 -20.30 -25.07
N PRO B 122 18.80 -19.95 -25.81
CA PRO B 122 19.34 -18.59 -25.68
C PRO B 122 18.43 -17.49 -26.25
N GLU B 123 17.62 -17.79 -27.30
CA GLU B 123 16.68 -16.82 -27.88
C GLU B 123 15.25 -17.32 -27.68
N PRO B 124 14.71 -17.25 -26.45
CA PRO B 124 13.34 -17.76 -26.22
C PRO B 124 12.32 -16.93 -26.98
N SER B 125 11.33 -17.62 -27.54
CA SER B 125 10.32 -17.03 -28.40
C SER B 125 8.93 -17.55 -28.06
N PHE B 126 7.91 -16.70 -28.19
CA PHE B 126 6.53 -17.10 -27.94
C PHE B 126 5.58 -16.05 -28.49
N LYS B 127 4.28 -16.37 -28.51
CA LYS B 127 3.24 -15.45 -28.94
C LYS B 127 2.27 -15.17 -27.80
N VAL B 128 1.80 -13.94 -27.69
CA VAL B 128 0.75 -13.52 -26.75
C VAL B 128 -0.32 -12.92 -27.60
N ASP B 129 -1.47 -13.60 -27.71
CA ASP B 129 -2.60 -13.11 -28.50
C ASP B 129 -2.16 -12.83 -29.97
N GLY B 130 -1.32 -13.72 -30.50
CA GLY B 130 -0.82 -13.61 -31.87
C GLY B 130 0.41 -12.75 -32.08
N LYS B 131 0.81 -11.90 -31.09
CA LYS B 131 1.96 -11.02 -31.24
C LYS B 131 3.22 -11.73 -30.80
N LYS B 132 4.23 -11.79 -31.68
CA LYS B 132 5.48 -12.48 -31.37
C LYS B 132 6.37 -11.67 -30.44
N TYR B 133 6.98 -12.35 -29.47
CA TYR B 133 7.96 -11.79 -28.54
C TYR B 133 9.20 -12.66 -28.60
N GLU B 134 10.37 -12.06 -28.86
CA GLU B 134 11.65 -12.80 -28.89
C GLU B 134 12.66 -12.05 -28.06
N PHE B 135 13.25 -12.70 -27.07
CA PHE B 135 14.22 -12.06 -26.18
C PHE B 135 15.64 -12.36 -26.58
N GLU B 136 16.53 -11.35 -26.47
CA GLU B 136 17.96 -11.46 -26.74
C GLU B 136 18.66 -11.55 -25.39
N LEU B 137 18.85 -12.77 -24.85
CA LEU B 137 19.46 -12.94 -23.51
C LEU B 137 20.98 -12.71 -23.55
N SER B 138 21.48 -11.72 -22.76
CA SER B 138 22.92 -11.41 -22.65
C SER B 138 23.68 -12.49 -21.88
N ASP B 139 25.02 -12.38 -21.82
CA ASP B 139 25.85 -13.36 -21.09
C ASP B 139 25.48 -13.42 -19.62
N GLU B 140 25.32 -12.24 -19.00
CA GLU B 140 24.93 -12.07 -17.61
C GLU B 140 23.53 -12.69 -17.36
N ASP B 141 22.57 -12.52 -18.32
CA ASP B 141 21.20 -13.05 -18.18
C ASP B 141 21.17 -14.58 -18.12
N LEU B 142 21.94 -15.28 -18.95
CA LEU B 142 21.92 -16.74 -18.96
C LEU B 142 22.49 -17.36 -17.69
N LYS B 143 23.48 -16.73 -17.09
CA LYS B 143 24.13 -17.27 -15.90
C LYS B 143 23.43 -16.86 -14.61
N THR B 144 22.85 -15.64 -14.55
CA THR B 144 22.28 -15.12 -13.31
C THR B 144 20.79 -14.73 -13.35
N GLN B 145 20.11 -14.90 -14.49
CA GLN B 145 18.68 -14.59 -14.62
C GLN B 145 18.06 -15.57 -15.62
N THR B 146 18.49 -16.83 -15.55
CA THR B 146 18.14 -17.86 -16.54
C THR B 146 16.65 -17.97 -16.76
N LEU B 147 16.21 -17.91 -18.04
CA LEU B 147 14.80 -18.07 -18.41
C LEU B 147 14.64 -19.51 -18.86
N ILE B 148 13.81 -20.30 -18.15
CA ILE B 148 13.63 -21.73 -18.47
C ILE B 148 12.17 -21.99 -18.75
N LYS B 149 11.87 -22.77 -19.81
CA LYS B 149 10.48 -23.13 -20.11
C LYS B 149 10.20 -24.48 -19.46
N TYR B 150 9.21 -24.53 -18.56
CA TYR B 150 8.76 -25.76 -17.89
C TYR B 150 7.34 -26.00 -18.33
N GLY B 151 7.14 -26.96 -19.22
CA GLY B 151 5.81 -27.22 -19.76
C GLY B 151 5.37 -26.01 -20.56
N ASP B 152 4.20 -25.44 -20.21
CA ASP B 152 3.65 -24.26 -20.88
CA ASP B 152 3.62 -24.26 -20.86
C ASP B 152 3.96 -22.96 -20.09
N ILE B 153 4.72 -23.02 -18.98
CA ILE B 153 5.06 -21.83 -18.20
C ILE B 153 6.57 -21.62 -18.20
N TYR B 154 7.01 -20.49 -17.61
CA TYR B 154 8.41 -20.13 -17.55
C TYR B 154 8.87 -19.93 -16.13
N ALA B 155 10.18 -19.97 -15.94
CA ALA B 155 10.82 -19.70 -14.67
C ALA B 155 12.01 -18.82 -14.90
N GLN B 156 12.15 -17.78 -14.09
CA GLN B 156 13.33 -16.94 -14.05
C GLN B 156 14.09 -17.37 -12.82
N VAL B 157 15.30 -17.89 -12.99
CA VAL B 157 16.14 -18.37 -11.90
C VAL B 157 17.20 -17.32 -11.60
N TYR B 158 17.12 -16.68 -10.43
CA TYR B 158 18.05 -15.62 -10.03
C TYR B 158 19.22 -16.20 -9.28
N SER B 159 20.44 -15.97 -9.77
CA SER B 159 21.66 -16.47 -9.12
C SER B 159 22.57 -15.35 -8.77
N ASP B 160 23.47 -15.62 -7.84
CA ASP B 160 24.44 -14.68 -7.37
C ASP B 160 25.68 -14.73 -8.28
N GLN B 161 26.19 -13.57 -8.69
CA GLN B 161 27.37 -13.52 -9.57
CA GLN B 161 27.37 -13.58 -9.58
C GLN B 161 28.64 -13.95 -8.78
N GLN B 162 28.63 -13.77 -7.44
CA GLN B 162 29.74 -14.11 -6.56
C GLN B 162 29.67 -15.57 -6.09
N SER B 163 28.59 -15.96 -5.39
CA SER B 163 28.46 -17.33 -4.88
C SER B 163 28.01 -18.33 -5.95
N LYS B 164 27.38 -17.88 -7.05
CA LYS B 164 26.87 -18.74 -8.12
C LYS B 164 25.80 -19.73 -7.60
N LYS B 165 25.01 -19.30 -6.60
CA LYS B 165 23.95 -20.11 -6.03
C LYS B 165 22.59 -19.50 -6.32
N VAL B 166 21.53 -20.34 -6.40
CA VAL B 166 20.17 -19.86 -6.66
C VAL B 166 19.66 -19.06 -5.44
N LEU B 167 19.24 -17.81 -5.68
CA LEU B 167 18.73 -16.90 -4.64
C LEU B 167 17.24 -16.93 -4.55
N SER B 168 16.58 -16.98 -5.69
CA SER B 168 15.12 -16.91 -5.78
C SER B 168 14.66 -17.42 -7.14
N VAL B 169 13.38 -17.74 -7.25
CA VAL B 169 12.81 -18.21 -8.52
C VAL B 169 11.46 -17.52 -8.74
N ARG B 170 11.18 -17.11 -9.98
CA ARG B 170 9.89 -16.57 -10.32
C ARG B 170 9.30 -17.44 -11.40
N PHE B 171 8.18 -18.13 -11.09
CA PHE B 171 7.47 -18.91 -12.10
C PHE B 171 6.40 -17.99 -12.68
N LEU B 172 6.27 -17.90 -13.99
CA LEU B 172 5.28 -16.99 -14.57
C LEU B 172 4.84 -17.40 -15.98
N THR B 173 3.70 -16.87 -16.41
CA THR B 173 3.17 -17.15 -17.74
C THR B 173 3.84 -16.28 -18.78
N LYS B 174 3.71 -16.66 -20.05
CA LYS B 174 4.25 -15.86 -21.15
C LYS B 174 3.62 -14.43 -21.20
N GLU B 175 2.35 -14.25 -20.79
CA GLU B 175 1.77 -12.90 -20.83
C GLU B 175 2.36 -12.05 -19.73
N LEU B 177 5.45 -12.41 -18.59
CA LEU B 177 6.80 -12.20 -19.09
C LEU B 177 6.83 -11.07 -20.16
N ALA B 178 5.84 -11.05 -21.07
CA ALA B 178 5.75 -9.98 -22.09
C ALA B 178 5.48 -8.62 -21.44
N ASP B 179 4.65 -8.61 -20.38
CA ASP B 179 4.30 -7.38 -19.68
C ASP B 179 5.52 -6.85 -18.89
N ILE B 180 6.23 -7.70 -18.13
CA ILE B 180 7.44 -7.30 -17.38
C ILE B 180 8.59 -6.96 -18.32
N GLU B 181 8.76 -7.73 -19.42
CA GLU B 181 9.83 -7.55 -20.41
C GLU B 181 11.21 -7.46 -19.68
N PRO B 182 11.62 -8.51 -18.94
CA PRO B 182 12.87 -8.40 -18.15
C PRO B 182 14.16 -8.54 -18.97
N TYR B 183 14.06 -8.87 -20.28
CA TYR B 183 15.22 -9.00 -21.14
C TYR B 183 15.05 -8.09 -22.35
N GLN B 184 16.15 -7.83 -23.04
CA GLN B 184 16.13 -7.00 -24.24
C GLN B 184 15.36 -7.71 -25.34
N LEU B 185 14.46 -7.00 -26.02
CA LEU B 185 13.69 -7.57 -27.11
C LEU B 185 14.44 -7.47 -28.41
N ASN B 186 14.21 -8.43 -29.31
CA ASN B 186 14.80 -8.42 -30.64
C ASN B 186 14.14 -7.29 -31.45
N SER B 187 14.86 -6.75 -32.46
CA SER B 187 14.37 -5.65 -33.31
C SER B 187 13.00 -5.94 -33.96
N ASN B 188 12.69 -7.22 -34.25
CA ASN B 188 11.39 -7.63 -34.83
C ASN B 188 10.23 -7.45 -33.83
N SER B 189 10.49 -7.56 -32.51
CA SER B 189 9.48 -7.42 -31.47
C SER B 189 9.23 -5.95 -31.11
N THR B 190 8.05 -5.66 -30.51
CA THR B 190 7.66 -4.31 -30.07
C THR B 190 7.27 -4.37 -28.60
N SER B 191 7.77 -3.41 -27.80
CA SER B 191 7.46 -3.33 -26.36
C SER B 191 5.98 -2.97 -26.15
N GLU B 192 5.33 -3.59 -25.15
CA GLU B 192 3.91 -3.33 -24.84
C GLU B 192 3.70 -1.91 -24.34
N GLU B 193 2.51 -1.35 -24.62
CA GLU B 193 2.09 -0.04 -24.11
C GLU B 193 1.47 -0.27 -22.75
N HIS B 194 1.56 0.70 -21.83
CA HIS B 194 1.04 0.54 -20.47
C HIS B 194 0.09 1.67 -20.08
N ASN B 195 -0.93 1.33 -19.27
CA ASN B 195 -1.89 2.32 -18.79
C ASN B 195 -1.31 3.00 -17.52
N LYS B 196 -1.99 4.03 -17.02
CA LYS B 196 -1.54 4.78 -15.84
C LYS B 196 -1.37 3.86 -14.63
N ARG B 197 -0.32 4.08 -13.82
CA ARG B 197 -0.11 3.30 -12.61
C ARG B 197 -1.20 3.64 -11.58
N PRO B 198 -1.84 2.67 -10.89
CA PRO B 198 -2.79 3.04 -9.83
C PRO B 198 -2.04 3.70 -8.66
N VAL B 199 -2.76 4.52 -7.87
CA VAL B 199 -2.19 5.22 -6.71
C VAL B 199 -1.50 4.25 -5.71
N GLU B 200 -1.95 2.99 -5.62
CA GLU B 200 -1.37 2.00 -4.71
C GLU B 200 -0.03 1.47 -5.15
N GLN B 201 0.31 1.57 -6.44
CA GLN B 201 1.52 0.92 -6.95
C GLN B 201 2.82 1.46 -6.31
N ASN B 202 3.19 2.73 -6.51
CA ASN B 202 4.44 3.27 -5.96
C ASN B 202 4.67 2.95 -4.47
N PRO B 203 3.74 3.22 -3.53
CA PRO B 203 4.03 2.88 -2.12
C PRO B 203 4.22 1.38 -1.88
N ASN B 204 3.50 0.53 -2.62
CA ASN B 204 3.64 -0.92 -2.43
C ASN B 204 4.92 -1.46 -3.09
N GLN B 205 5.40 -0.81 -4.16
CA GLN B 205 6.69 -1.19 -4.77
C GLN B 205 7.81 -0.87 -3.80
N LEU B 206 7.69 0.26 -3.07
CA LEU B 206 8.68 0.65 -2.07
C LEU B 206 8.72 -0.40 -0.94
N ILE B 207 7.53 -0.87 -0.48
CA ILE B 207 7.48 -1.88 0.59
C ILE B 207 8.11 -3.18 0.07
N SER B 208 7.81 -3.57 -1.18
CA SER B 208 8.42 -4.78 -1.77
C SER B 208 9.94 -4.62 -1.89
N LEU B 209 10.43 -3.42 -2.22
CA LEU B 209 11.86 -3.15 -2.33
C LEU B 209 12.52 -3.41 -0.97
N TYR B 210 11.91 -2.90 0.12
CA TYR B 210 12.44 -3.13 1.46
C TYR B 210 12.45 -4.63 1.80
N GLU B 211 11.32 -5.30 1.54
CA GLU B 211 11.18 -6.71 1.87
C GLU B 211 12.14 -7.60 1.09
N VAL B 212 12.23 -7.43 -0.24
CA VAL B 212 13.13 -8.27 -1.03
C VAL B 212 14.60 -7.96 -0.67
N THR B 213 14.93 -6.70 -0.36
CA THR B 213 16.29 -6.36 0.10
C THR B 213 16.63 -7.18 1.35
N ASN B 214 15.69 -7.24 2.30
CA ASN B 214 15.93 -7.98 3.55
C ASN B 214 15.92 -9.50 3.31
N GLU B 215 15.14 -10.02 2.34
CA GLU B 215 15.20 -11.45 2.02
C GLU B 215 16.59 -11.82 1.48
N ARG B 217 19.42 -10.18 2.12
CA ARG B 217 20.31 -10.09 3.29
C ARG B 217 20.19 -11.35 4.16
N LYS B 218 18.95 -11.84 4.41
CA LYS B 218 18.74 -13.03 5.25
C LYS B 218 19.39 -14.28 4.62
N LEU B 219 19.39 -14.43 3.28
CA LEU B 219 20.05 -15.59 2.65
C LEU B 219 21.55 -15.61 2.92
N LYS B 220 22.19 -14.43 3.10
CA LYS B 220 23.63 -14.33 3.39
C LYS B 220 23.93 -14.27 4.89
N GLY B 221 22.94 -14.55 5.75
CA GLY B 221 23.13 -14.53 7.20
C GLY B 221 23.32 -13.15 7.81
N LEU B 222 22.90 -12.09 7.10
CA LEU B 222 23.00 -10.70 7.58
C LEU B 222 21.74 -10.29 8.29
N LYS B 223 21.86 -9.30 9.20
CA LYS B 223 20.71 -8.78 9.91
C LYS B 223 19.85 -7.94 8.95
N PRO B 224 18.51 -7.99 9.05
CA PRO B 224 17.70 -7.13 8.17
C PRO B 224 17.83 -5.66 8.55
N LEU B 225 17.71 -4.76 7.59
CA LEU B 225 17.81 -3.33 7.87
C LEU B 225 16.48 -2.82 8.35
N LYS B 226 16.50 -1.93 9.36
CA LYS B 226 15.26 -1.35 9.87
C LYS B 226 14.86 -0.20 8.98
N ILE B 227 13.56 0.02 8.80
CA ILE B 227 13.09 1.10 7.92
C ILE B 227 13.11 2.40 8.73
N ASN B 228 13.77 3.44 8.21
CA ASN B 228 13.88 4.75 8.84
C ASN B 228 13.05 5.76 8.03
N SER B 229 12.03 6.38 8.65
CA SER B 229 11.16 7.35 7.97
C SER B 229 11.90 8.64 7.57
N ASP B 230 12.97 9.05 8.30
CA ASP B 230 13.72 10.24 7.91
C ASP B 230 14.54 9.98 6.64
N LEU B 231 15.13 8.78 6.48
CA LEU B 231 15.85 8.41 5.27
C LEU B 231 14.89 8.31 4.09
N ALA B 232 13.66 7.81 4.34
CA ALA B 232 12.63 7.69 3.31
C ALA B 232 12.20 9.08 2.84
N HIS B 233 12.11 10.04 3.78
CA HIS B 233 11.75 11.42 3.46
C HIS B 233 12.87 12.06 2.63
N ILE B 234 14.13 11.84 3.03
CA ILE B 234 15.29 12.36 2.29
C ILE B 234 15.29 11.74 0.89
N ALA B 235 15.07 10.42 0.77
CA ALA B 235 15.05 9.72 -0.53
C ALA B 235 13.99 10.30 -1.45
N SER B 236 12.79 10.58 -0.92
CA SER B 236 11.70 11.15 -1.69
C SER B 236 12.03 12.57 -2.17
N ASN B 237 12.57 13.42 -1.28
CA ASN B 237 12.98 14.79 -1.66
C ASN B 237 14.14 14.75 -2.64
N ASN B 238 15.12 13.90 -2.34
CA ASN B 238 16.30 13.71 -3.17
C ASN B 238 15.88 13.27 -4.61
N LEU B 239 14.89 12.38 -4.72
CA LEU B 239 14.36 11.91 -6.00
C LEU B 239 13.57 12.99 -6.72
N TYR B 240 12.69 13.69 -5.97
CA TYR B 240 11.90 14.79 -6.51
C TYR B 240 12.82 15.93 -7.01
N GLU B 241 13.85 16.29 -6.22
CA GLU B 241 14.79 17.35 -6.61
C GLU B 241 15.67 16.95 -7.79
N ALA B 242 16.05 15.66 -7.89
CA ALA B 242 16.89 15.17 -8.99
C ALA B 242 16.15 15.23 -10.34
N THR B 243 14.81 15.03 -10.34
CA THR B 243 13.99 15.06 -11.57
C THR B 243 13.18 16.37 -11.64
N SER B 244 13.83 17.52 -11.45
CA SER B 244 13.19 18.84 -11.51
C SER B 244 14.18 19.91 -11.97
N SER B 249 19.92 17.40 -16.84
CA SER B 249 20.04 15.95 -16.70
C SER B 249 19.80 15.50 -15.25
N VAL B 250 19.41 14.22 -15.08
CA VAL B 250 19.14 13.63 -13.76
C VAL B 250 20.46 13.11 -13.16
N GLU B 251 20.69 13.39 -11.86
CA GLU B 251 21.91 12.97 -11.17
C GLU B 251 21.67 12.87 -9.65
N PHE B 252 22.40 11.95 -8.99
CA PHE B 252 22.31 11.68 -7.55
C PHE B 252 23.69 11.84 -6.93
N THR B 253 24.02 13.09 -6.57
CA THR B 253 25.33 13.42 -5.99
C THR B 253 25.44 13.02 -4.52
N GLU B 254 26.68 12.78 -4.09
CA GLU B 254 27.02 12.47 -2.69
C GLU B 254 26.85 13.73 -1.82
N ASP B 255 27.14 14.92 -2.37
CA ASP B 255 26.97 16.19 -1.64
C ASP B 255 25.51 16.43 -1.27
N ALA B 256 24.58 16.06 -2.17
CA ALA B 256 23.14 16.22 -1.93
C ALA B 256 22.64 15.25 -0.84
N LEU B 257 23.20 14.03 -0.77
CA LEU B 257 22.81 13.03 0.23
C LEU B 257 23.39 13.40 1.60
N ARG B 258 24.71 13.66 1.66
CA ARG B 258 25.40 14.01 2.91
C ARG B 258 24.88 15.36 3.45
N GLY B 259 24.52 16.26 2.54
CA GLY B 259 23.98 17.57 2.88
C GLY B 259 22.59 17.48 3.46
N GLN B 260 21.74 16.61 2.88
CA GLN B 260 20.37 16.40 3.37
C GLN B 260 20.36 15.69 4.73
N LEU B 261 21.32 14.78 4.98
CA LEU B 261 21.39 14.09 6.28
C LEU B 261 21.76 15.07 7.40
N ASP B 262 22.73 15.96 7.14
CA ASP B 262 23.17 16.98 8.09
C ASP B 262 22.08 18.04 8.31
N LYS B 263 21.41 18.46 7.23
CA LYS B 263 20.29 19.41 7.27
C LYS B 263 19.12 18.87 8.14
N ASN B 264 18.90 17.55 8.12
CA ASN B 264 17.84 16.89 8.86
C ASN B 264 18.33 16.36 10.24
N HIS B 265 19.54 16.74 10.68
CA HIS B 265 20.14 16.38 11.97
C HIS B 265 20.17 14.86 12.20
N VAL B 266 20.39 14.06 11.13
CA VAL B 266 20.49 12.61 11.22
C VAL B 266 21.92 12.26 11.65
N THR B 267 22.09 11.41 12.67
CA THR B 267 23.42 10.99 13.14
C THR B 267 23.79 9.68 12.43
N TYR B 268 25.01 9.56 11.93
CA TYR B 268 25.47 8.36 11.22
C TYR B 268 26.98 8.28 11.11
N LYS B 269 27.51 7.06 10.86
CA LYS B 269 28.94 6.83 10.64
C LYS B 269 29.21 6.81 9.14
N THR B 270 28.42 6.03 8.37
CA THR B 270 28.55 5.93 6.91
C THR B 270 27.17 5.87 6.26
N THR B 271 27.14 6.18 4.97
CA THR B 271 25.91 6.17 4.17
C THR B 271 26.21 5.92 2.70
N ALA B 272 25.22 5.42 1.97
CA ALA B 272 25.32 5.17 0.53
C ALA B 272 23.93 5.12 -0.08
N GLN B 273 23.85 5.03 -1.41
CA GLN B 273 22.57 5.03 -2.10
C GLN B 273 22.60 4.17 -3.36
N ASN B 274 21.54 3.38 -3.59
CA ASN B 274 21.35 2.57 -4.79
C ASN B 274 20.18 3.16 -5.58
N VAL B 275 20.36 3.33 -6.92
CA VAL B 275 19.34 3.91 -7.78
C VAL B 275 19.16 3.03 -9.01
N GLY B 276 17.91 2.87 -9.43
CA GLY B 276 17.54 2.08 -10.60
C GLY B 276 16.55 2.84 -11.43
N TYR B 277 16.75 2.88 -12.76
CA TYR B 277 15.86 3.61 -13.68
C TYR B 277 15.13 2.67 -14.66
N ALA B 278 13.85 2.99 -14.94
CA ALA B 278 12.98 2.32 -15.92
C ALA B 278 12.61 0.86 -15.56
N PHE B 279 12.82 0.42 -14.30
CA PHE B 279 12.49 -0.95 -13.91
C PHE B 279 10.98 -1.08 -13.70
N ASN B 280 10.43 -2.25 -14.04
CA ASN B 280 9.00 -2.54 -13.93
C ASN B 280 8.63 -3.33 -12.68
N ASP B 281 9.61 -4.01 -12.06
CA ASP B 281 9.33 -4.85 -10.91
C ASP B 281 10.54 -4.95 -10.03
N VAL B 282 10.31 -5.31 -8.77
CA VAL B 282 11.37 -5.37 -7.77
C VAL B 282 12.34 -6.52 -8.07
N PRO B 283 11.88 -7.76 -8.37
CA PRO B 283 12.86 -8.84 -8.66
C PRO B 283 13.87 -8.46 -9.75
N THR B 284 13.44 -7.77 -10.83
CA THR B 284 14.38 -7.38 -11.89
C THR B 284 15.36 -6.34 -11.39
N LEU B 285 14.86 -5.34 -10.64
CA LEU B 285 15.70 -4.30 -10.07
C LEU B 285 16.77 -4.89 -9.16
N ILE B 286 16.35 -5.75 -8.23
CA ILE B 286 17.27 -6.37 -7.27
C ILE B 286 18.31 -7.21 -7.99
N HIS B 287 17.91 -7.94 -9.05
CA HIS B 287 18.87 -8.71 -9.85
C HIS B 287 19.96 -7.80 -10.42
N SER B 288 19.59 -6.61 -10.93
CA SER B 288 20.58 -5.69 -11.51
C SER B 288 21.52 -5.14 -10.43
N TRP B 289 20.98 -4.80 -9.23
CA TRP B 289 21.85 -4.34 -8.14
C TRP B 289 22.74 -5.50 -7.62
N ASN B 291 23.97 -7.90 -9.31
CA ASN B 291 24.98 -8.24 -10.33
C ASN B 291 25.89 -7.03 -10.67
N SER B 292 25.89 -5.98 -9.83
CA SER B 292 26.78 -4.82 -9.94
C SER B 292 27.53 -4.71 -8.62
N ASP B 293 28.86 -4.95 -8.62
CA ASP B 293 29.72 -5.00 -7.41
C ASP B 293 29.47 -3.86 -6.40
N ILE B 294 29.40 -2.60 -6.86
CA ILE B 294 29.21 -1.42 -6.00
C ILE B 294 27.79 -1.45 -5.37
N HIS B 295 26.77 -1.78 -6.16
CA HIS B 295 25.38 -1.83 -5.67
C HIS B 295 25.15 -3.05 -4.79
N ARG B 296 25.76 -4.20 -5.13
CA ARG B 296 25.64 -5.45 -4.34
CA ARG B 296 25.59 -5.42 -4.33
C ARG B 296 26.26 -5.24 -2.97
N SER B 297 27.48 -4.65 -2.93
CA SER B 297 28.19 -4.42 -1.66
C SER B 297 27.39 -3.56 -0.69
N ARG B 298 26.57 -2.62 -1.20
CA ARG B 298 25.73 -1.79 -0.33
C ARG B 298 24.56 -2.61 0.23
N LEU B 299 23.86 -3.39 -0.63
CA LEU B 299 22.74 -4.24 -0.18
C LEU B 299 23.17 -5.25 0.88
N LEU B 300 24.35 -5.87 0.69
CA LEU B 300 24.87 -6.90 1.60
C LEU B 300 25.94 -6.35 2.55
N ASN B 301 25.89 -5.07 2.88
CA ASN B 301 26.88 -4.49 3.79
C ASN B 301 26.50 -4.86 5.23
N SER B 302 27.40 -5.54 5.95
CA SER B 302 27.15 -5.92 7.34
C SER B 302 27.12 -4.72 8.29
N LYS B 303 27.78 -3.60 7.92
CA LYS B 303 27.84 -2.42 8.79
C LYS B 303 26.52 -1.62 8.80
N TYR B 304 25.75 -1.58 7.69
CA TYR B 304 24.49 -0.83 7.69
C TYR B 304 23.43 -1.50 8.57
N ASP B 305 22.63 -0.68 9.27
CA ASP B 305 21.55 -1.18 10.12
C ASP B 305 20.18 -0.52 9.80
N GLU B 306 20.13 0.49 8.90
CA GLU B 306 18.89 1.16 8.54
C GLU B 306 18.84 1.50 7.06
N GLY B 308 16.01 3.59 3.94
CA GLY B 308 14.83 4.36 3.60
C GLY B 308 14.87 4.68 2.13
N GLY B 309 13.74 4.56 1.43
CA GLY B 309 13.75 4.80 0.00
C GLY B 309 12.51 5.46 -0.54
N ASP B 310 12.44 5.51 -1.86
CA ASP B 310 11.28 6.02 -2.56
C ASP B 310 11.20 5.39 -3.93
N VAL B 311 9.97 5.26 -4.45
CA VAL B 311 9.70 4.76 -5.79
C VAL B 311 8.79 5.79 -6.46
N ARG B 313 8.35 8.50 -10.41
CA ARG B 313 8.77 9.00 -11.72
C ARG B 313 9.71 8.01 -12.46
N ASP B 314 9.38 6.71 -12.37
CA ASP B 314 10.11 5.62 -13.03
C ASP B 314 11.52 5.36 -12.42
N TYR B 315 11.70 5.67 -11.12
CA TYR B 315 12.94 5.42 -10.39
C TYR B 315 12.66 4.64 -9.11
N TYR B 316 13.66 3.87 -8.66
CA TYR B 316 13.70 3.21 -7.35
C TYR B 316 14.95 3.74 -6.70
N SER B 317 14.84 4.42 -5.56
CA SER B 317 15.99 4.99 -4.86
C SER B 317 16.01 4.43 -3.44
N LEU B 318 17.14 3.86 -2.97
CA LEU B 318 17.26 3.29 -1.63
C LEU B 318 18.51 3.81 -0.93
N ILE B 319 18.33 4.48 0.21
CA ILE B 319 19.45 5.02 1.00
C ILE B 319 19.73 4.06 2.14
N PHE B 320 21.02 3.78 2.40
CA PHE B 320 21.47 2.91 3.50
C PHE B 320 22.17 3.74 4.53
N LEU B 321 22.15 3.30 5.79
CA LEU B 321 22.79 4.04 6.87
C LEU B 321 23.33 3.13 7.96
N GLU B 322 24.51 3.49 8.47
CA GLU B 322 25.12 2.87 9.64
C GLU B 322 25.02 3.91 10.74
N LYS B 323 24.17 3.67 11.76
CA LYS B 323 24.03 4.60 12.89
C LYS B 323 25.31 4.60 13.72
#